data_3GP0
#
_entry.id   3GP0
#
_cell.length_a   38.940
_cell.length_b   60.080
_cell.length_c   148.550
_cell.angle_alpha   90.000
_cell.angle_beta   90.000
_cell.angle_gamma   90.000
#
_symmetry.space_group_name_H-M   'P 21 21 21'
#
loop_
_entity.id
_entity.type
_entity.pdbx_description
1 polymer 'Mitogen-activated protein kinase 11'
2 non-polymer Nilotinib
3 non-polymer 1,2-ETHANEDIOL
4 non-polymer 'CHLORIDE ION'
5 water water
#
_entity_poly.entity_id   1
_entity_poly.type   'polypeptide(L)'
_entity_poly.pdbx_seq_one_letter_code
;SMRAGFYRQELNKTVWEVPQRLQGLRPVGSGAYGSVCSAYDARLRQKVAVKKLSRPFQSLIHARRTYRELRLLKHLKHEN
VIGLLDVFTPATSIEDFSEVYLVTTLMGADLNNIVKCQALSDEHVQFLVYQLLRGLKYIHSAGIIHRDLKPSNVAVNEDC
ELRILDFGLARQADEEMTGYVATRWYRAPEIMLNWMHYNQTVDIWSVGCIMAELLQGKALFPGSDYIDQLKRIMEVVGTP
SPEVLAKISSEHARTYIQSLPPMPQKDLSSIFRGANPLAIDLLGRMLVLDSDQRVSAAEALAHAYFSQYHDPEDEPEAEP
YDESVEAKERTLEEWKELTYQEVLSFKP
;
_entity_poly.pdbx_strand_id   A
#
# COMPACT_ATOMS: atom_id res chain seq x y z
N MET A 2 24.15 22.71 1.07
CA MET A 2 24.14 21.64 2.11
C MET A 2 24.53 22.21 3.47
N ARG A 3 23.70 21.99 4.48
CA ARG A 3 23.98 22.39 5.87
C ARG A 3 25.31 21.90 6.42
N ALA A 4 25.80 22.56 7.47
CA ALA A 4 26.89 22.03 8.30
C ALA A 4 26.35 20.76 8.97
N GLY A 5 27.23 19.81 9.30
CA GLY A 5 26.77 18.53 9.89
C GLY A 5 26.11 17.54 8.92
N PHE A 6 26.08 17.87 7.64
CA PHE A 6 25.64 16.94 6.60
C PHE A 6 26.86 16.46 5.79
N TYR A 7 26.73 15.29 5.17
CA TYR A 7 27.77 14.81 4.28
C TYR A 7 27.12 14.30 3.01
N ARG A 8 27.91 14.24 1.94
CA ARG A 8 27.35 13.89 0.64
C ARG A 8 27.95 12.60 0.14
N GLN A 9 27.10 11.78 -0.50
CA GLN A 9 27.60 10.65 -1.28
C GLN A 9 26.74 10.40 -2.50
N GLU A 10 27.24 9.56 -3.39
CA GLU A 10 26.48 9.20 -4.60
C GLU A 10 26.06 7.73 -4.51
N LEU A 11 24.77 7.49 -4.68
CA LEU A 11 24.25 6.14 -4.62
C LEU A 11 23.54 5.79 -5.92
N ASN A 12 24.24 5.03 -6.77
CA ASN A 12 23.80 4.71 -8.15
C ASN A 12 23.36 5.99 -8.88
N LYS A 13 24.36 6.79 -9.24
CA LYS A 13 24.21 8.06 -9.97
C LYS A 13 23.13 9.03 -9.46
N THR A 14 22.85 8.99 -8.16
CA THR A 14 22.01 9.99 -7.52
C THR A 14 22.75 10.53 -6.28
N VAL A 15 22.76 11.84 -6.09
CA VAL A 15 23.47 12.41 -4.94
C VAL A 15 22.58 12.44 -3.70
N TRP A 16 23.08 11.89 -2.58
CA TRP A 16 22.36 12.00 -1.28
C TRP A 16 23.13 12.91 -0.30
N GLU A 17 22.43 13.84 0.33
CA GLU A 17 23.04 14.74 1.31
C GLU A 17 22.28 14.54 2.58
N VAL A 18 22.93 13.98 3.60
CA VAL A 18 22.22 13.61 4.84
C VAL A 18 23.00 14.02 6.09
N PRO A 19 22.31 14.15 7.24
CA PRO A 19 23.02 14.48 8.47
C PRO A 19 23.90 13.32 8.94
N GLN A 20 24.90 13.67 9.74
CA GLN A 20 25.87 12.71 10.28
C GLN A 20 25.23 11.57 11.03
N ARG A 21 24.10 11.85 11.68
CA ARG A 21 23.37 10.81 12.43
C ARG A 21 22.96 9.61 11.59
N LEU A 22 22.80 9.79 10.28
CA LEU A 22 22.50 8.67 9.39
C LEU A 22 23.77 8.09 8.79
N GLN A 23 24.05 6.81 9.07
CA GLN A 23 25.26 6.18 8.55
C GLN A 23 24.95 4.91 7.80
N GLY A 24 25.89 4.47 6.96
CA GLY A 24 25.77 3.21 6.21
C GLY A 24 24.60 3.10 5.24
N LEU A 25 24.33 4.17 4.48
CA LEU A 25 23.26 4.11 3.50
C LEU A 25 23.49 3.02 2.47
N ARG A 26 22.43 2.28 2.21
CA ARG A 26 22.45 1.15 1.33
C ARG A 26 21.11 1.15 0.60
N PRO A 27 21.12 1.28 -0.74
CA PRO A 27 19.86 1.16 -1.50
C PRO A 27 19.07 -0.11 -1.17
N VAL A 28 17.77 0.03 -0.91
CA VAL A 28 16.89 -1.13 -0.69
C VAL A 28 16.49 -1.85 -2.01
N GLY A 29 16.01 -1.13 -3.04
CA GLY A 29 15.76 0.31 -3.02
C GLY A 29 14.82 0.82 -4.10
N SER A 35 14.24 5.14 -4.92
CA SER A 35 15.18 5.96 -4.15
C SER A 35 14.98 5.78 -2.63
N VAL A 36 15.04 4.53 -2.18
CA VAL A 36 14.94 4.23 -0.74
C VAL A 36 16.21 3.50 -0.33
N CYS A 37 16.79 3.93 0.80
CA CYS A 37 17.95 3.25 1.38
C CYS A 37 17.66 2.80 2.80
N SER A 38 18.29 1.70 3.21
CA SER A 38 18.40 1.39 4.64
C SER A 38 19.58 2.17 5.24
N ALA A 39 19.54 2.41 6.56
CA ALA A 39 20.60 3.16 7.19
C ALA A 39 20.52 2.93 8.70
N TYR A 40 21.55 3.35 9.43
CA TYR A 40 21.53 3.32 10.89
C TYR A 40 21.40 4.79 11.31
N ASP A 41 20.41 5.09 12.13
CA ASP A 41 20.16 6.43 12.61
C ASP A 41 20.77 6.41 14.02
N ALA A 42 21.85 7.15 14.21
CA ALA A 42 22.55 7.17 15.52
C ALA A 42 21.84 7.98 16.60
N ARG A 43 20.90 8.83 16.19
CA ARG A 43 20.12 9.58 17.18
C ARG A 43 19.01 8.70 17.77
N LEU A 44 18.31 7.97 16.90
CA LEU A 44 17.21 7.07 17.32
C LEU A 44 17.70 5.73 17.80
N ARG A 45 18.97 5.44 17.50
CA ARG A 45 19.65 4.19 17.90
C ARG A 45 18.94 2.98 17.32
N GLN A 46 18.64 3.04 16.02
CA GLN A 46 17.98 1.92 15.35
C GLN A 46 18.22 2.04 13.85
N LYS A 47 18.03 0.93 13.15
CA LYS A 47 17.99 0.92 11.69
C LYS A 47 16.71 1.63 11.23
N VAL A 48 16.80 2.31 10.08
CA VAL A 48 15.69 3.08 9.50
C VAL A 48 15.70 2.94 7.97
N ALA A 49 14.57 3.27 7.31
CA ALA A 49 14.56 3.47 5.86
C ALA A 49 14.58 4.98 5.62
N VAL A 50 15.29 5.38 4.59
CA VAL A 50 15.34 6.79 4.18
C VAL A 50 14.92 6.90 2.72
N LYS A 51 14.02 7.84 2.43
CA LYS A 51 13.58 8.03 1.06
C LYS A 51 13.88 9.47 0.64
N LYS A 52 14.48 9.63 -0.53
CA LYS A 52 14.83 10.95 -1.05
C LYS A 52 13.73 11.20 -2.05
N LEU A 53 12.84 12.14 -1.78
CA LEU A 53 11.75 12.31 -2.75
C LEU A 53 12.26 12.72 -4.14
N SER A 54 11.59 12.22 -5.18
CA SER A 54 11.98 12.56 -6.56
C SER A 54 11.46 13.93 -7.05
N ARG A 55 12.37 14.90 -7.16
CA ARG A 55 12.07 16.25 -7.68
C ARG A 55 10.76 16.80 -7.10
N PRO A 56 10.76 16.98 -5.77
CA PRO A 56 9.52 17.29 -5.04
C PRO A 56 8.78 18.53 -5.53
N PHE A 57 9.49 19.55 -6.05
CA PHE A 57 8.82 20.80 -6.54
C PHE A 57 8.95 21.06 -8.04
N GLN A 58 9.09 19.97 -8.78
CA GLN A 58 9.15 20.01 -10.25
C GLN A 58 7.90 20.63 -10.88
N SER A 59 6.74 20.36 -10.27
CA SER A 59 5.45 20.81 -10.80
C SER A 59 4.50 20.94 -9.64
N LEU A 60 3.34 21.56 -9.89
CA LEU A 60 2.32 21.70 -8.85
C LEU A 60 1.88 20.36 -8.27
N ILE A 61 1.63 19.37 -9.14
CA ILE A 61 1.19 18.04 -8.68
C ILE A 61 2.27 17.33 -7.83
N HIS A 62 3.54 17.41 -8.22
CA HIS A 62 4.61 16.88 -7.37
C HIS A 62 4.65 17.58 -6.00
N ALA A 63 4.53 18.91 -6.00
CA ALA A 63 4.54 19.68 -4.75
C ALA A 63 3.35 19.29 -3.89
N ARG A 64 2.18 19.14 -4.51
CA ARG A 64 1.01 18.71 -3.75
C ARG A 64 1.20 17.31 -3.14
N ARG A 65 1.78 16.39 -3.92
CA ARG A 65 2.01 15.01 -3.46
C ARG A 65 3.13 14.88 -2.41
N THR A 66 4.11 15.74 -2.54
CA THR A 66 5.17 15.87 -1.54
C THR A 66 4.58 16.30 -0.19
N TYR A 67 3.81 17.38 -0.19
CA TYR A 67 3.16 17.83 1.01
C TYR A 67 2.26 16.74 1.60
N ARG A 68 1.44 16.14 0.75
CA ARG A 68 0.49 15.10 1.18
C ARG A 68 1.22 13.91 1.80
N GLU A 69 2.29 13.45 1.17
CA GLU A 69 2.99 12.28 1.75
C GLU A 69 3.51 12.59 3.15
N LEU A 70 4.15 13.75 3.29
CA LEU A 70 4.65 14.21 4.57
C LEU A 70 3.50 14.36 5.60
N ARG A 71 2.39 15.01 5.22
CA ARG A 71 1.29 15.29 6.15
C ARG A 71 0.55 14.02 6.54
N LEU A 72 0.37 13.12 5.56
CA LEU A 72 -0.34 11.89 5.77
C LEU A 72 0.42 10.94 6.71
N LEU A 73 1.73 10.83 6.50
CA LEU A 73 2.58 10.04 7.40
C LEU A 73 2.70 10.65 8.80
N LYS A 74 2.78 11.99 8.92
CA LYS A 74 2.64 12.68 10.23
C LYS A 74 1.38 12.23 10.93
N HIS A 75 0.29 12.20 10.17
CA HIS A 75 -1.07 11.90 10.67
C HIS A 75 -1.27 10.47 11.11
N LEU A 76 -0.80 9.54 10.31
CA LEU A 76 -1.09 8.13 10.55
C LEU A 76 -0.10 7.53 11.56
N LYS A 77 -0.60 7.23 12.75
CA LYS A 77 0.23 6.61 13.76
C LYS A 77 -0.49 5.36 14.18
N HIS A 78 0.07 4.24 13.72
CA HIS A 78 -0.51 2.94 13.93
C HIS A 78 0.56 1.85 13.77
N GLU A 79 0.48 0.84 14.62
CA GLU A 79 1.46 -0.26 14.62
CA GLU A 79 1.42 -0.29 14.64
C GLU A 79 1.56 -1.01 13.28
N ASN A 80 0.50 -1.03 12.49
CA ASN A 80 0.53 -1.73 11.17
C ASN A 80 0.62 -0.80 9.96
N VAL A 81 1.11 0.42 10.16
CA VAL A 81 1.33 1.35 9.04
C VAL A 81 2.72 1.90 9.20
N ILE A 82 3.45 2.06 8.10
CA ILE A 82 4.82 2.52 8.20
C ILE A 82 4.86 3.83 9.04
N GLY A 83 5.81 3.96 9.97
CA GLY A 83 5.84 5.08 10.93
C GLY A 83 6.88 6.11 10.51
N LEU A 84 6.46 7.35 10.31
CA LEU A 84 7.40 8.47 10.09
C LEU A 84 8.22 8.75 11.34
N LEU A 85 9.54 8.70 11.24
CA LEU A 85 10.43 8.91 12.37
C LEU A 85 11.19 10.23 12.29
N ASP A 86 11.43 10.71 11.07
CA ASP A 86 12.17 11.94 10.86
C ASP A 86 11.93 12.46 9.45
N VAL A 87 12.17 13.77 9.28
CA VAL A 87 12.09 14.44 7.98
C VAL A 87 13.16 15.51 7.99
N PHE A 88 13.91 15.63 6.91
CA PHE A 88 14.94 16.64 6.83
C PHE A 88 15.17 17.16 5.42
N THR A 89 15.88 18.26 5.34
CA THR A 89 16.37 18.79 4.10
C THR A 89 17.79 19.31 4.28
N PRO A 90 18.62 19.14 3.23
CA PRO A 90 19.96 19.72 3.29
C PRO A 90 19.91 21.25 3.06
N ALA A 91 18.71 21.79 2.80
CA ALA A 91 18.56 23.22 2.51
C ALA A 91 18.92 24.02 3.73
N THR A 92 19.63 25.11 3.50
CA THR A 92 19.98 26.09 4.51
C THR A 92 18.91 27.19 4.67
N SER A 93 18.16 27.45 3.60
CA SER A 93 16.99 28.34 3.68
C SER A 93 16.01 28.01 2.58
N ILE A 94 14.87 28.70 2.57
CA ILE A 94 13.85 28.54 1.52
C ILE A 94 14.39 28.76 0.08
N GLU A 95 15.37 29.66 -0.10
CA GLU A 95 15.90 29.93 -1.44
C GLU A 95 16.58 28.72 -2.07
N ASP A 96 17.18 27.86 -1.26
CA ASP A 96 17.74 26.62 -1.82
C ASP A 96 17.02 25.34 -1.41
N PHE A 97 15.75 25.46 -1.01
CA PHE A 97 14.94 24.31 -0.62
C PHE A 97 14.48 23.63 -1.89
N SER A 98 15.02 22.45 -2.15
CA SER A 98 14.72 21.69 -3.38
C SER A 98 14.61 20.17 -3.17
N GLU A 99 15.05 19.68 -2.01
CA GLU A 99 15.05 18.24 -1.72
C GLU A 99 14.37 17.95 -0.37
N VAL A 100 13.67 16.84 -0.29
CA VAL A 100 12.95 16.42 0.93
C VAL A 100 13.25 14.96 1.21
N TYR A 101 13.72 14.64 2.42
CA TYR A 101 14.01 13.25 2.76
C TYR A 101 13.12 12.81 3.91
N LEU A 102 12.54 11.61 3.79
CA LEU A 102 11.67 11.06 4.83
C LEU A 102 12.36 9.86 5.44
N VAL A 103 12.22 9.72 6.76
CA VAL A 103 12.86 8.60 7.47
C VAL A 103 11.75 7.77 8.16
N THR A 104 11.74 6.45 7.98
CA THR A 104 10.70 5.63 8.59
C THR A 104 11.28 4.39 9.26
N THR A 105 10.43 3.66 9.98
CA THR A 105 10.74 2.29 10.39
C THR A 105 11.34 1.50 9.21
N LEU A 106 12.30 0.64 9.49
CA LEU A 106 12.77 -0.37 8.55
C LEU A 106 12.36 -1.76 9.08
N MET A 107 11.67 -2.55 8.25
CA MET A 107 11.28 -3.90 8.64
C MET A 107 12.30 -4.88 8.04
N GLY A 108 12.21 -6.17 8.37
CA GLY A 108 13.16 -7.16 7.81
C GLY A 108 13.10 -7.39 6.30
N ALA A 109 11.90 -7.36 5.72
CA ALA A 109 11.66 -7.84 4.34
C ALA A 109 10.29 -7.39 3.86
N ASP A 110 9.94 -7.71 2.60
CA ASP A 110 8.54 -7.54 2.16
C ASP A 110 7.84 -8.88 1.96
N LEU A 111 6.52 -8.86 1.76
CA LEU A 111 5.76 -10.10 1.56
C LEU A 111 6.19 -10.98 0.38
N ASN A 112 6.78 -10.40 -0.66
CA ASN A 112 7.31 -11.24 -1.76
C ASN A 112 8.41 -12.12 -1.30
N ASN A 113 9.34 -11.53 -0.55
CA ASN A 113 10.44 -12.27 0.05
C ASN A 113 9.93 -13.44 0.87
N ILE A 114 8.95 -13.16 1.71
CA ILE A 114 8.37 -14.20 2.55
C ILE A 114 7.86 -15.38 1.70
N VAL A 115 6.99 -15.10 0.73
CA VAL A 115 6.37 -16.13 -0.12
C VAL A 115 7.39 -16.94 -0.90
N LYS A 116 8.37 -16.25 -1.46
CA LYS A 116 9.43 -16.86 -2.22
C LYS A 116 10.23 -17.86 -1.37
N CYS A 117 10.52 -17.49 -0.12
CA CYS A 117 11.41 -18.31 0.73
C CYS A 117 10.68 -19.43 1.48
N GLN A 118 9.40 -19.24 1.77
CA GLN A 118 8.63 -20.14 2.66
CA GLN A 118 8.67 -20.23 2.58
C GLN A 118 7.25 -20.52 2.14
N ALA A 119 6.78 -21.73 2.45
CA ALA A 119 5.36 -22.05 2.38
C ALA A 119 4.78 -21.70 3.75
N LEU A 120 3.93 -20.69 3.80
CA LEU A 120 3.41 -20.17 5.08
C LEU A 120 2.37 -21.05 5.76
N SER A 121 2.55 -21.31 7.06
CA SER A 121 1.54 -22.04 7.84
C SER A 121 0.23 -21.22 7.86
N ASP A 122 -0.90 -21.90 8.07
CA ASP A 122 -2.19 -21.24 8.17
C ASP A 122 -2.18 -20.20 9.31
N GLU A 123 -1.49 -20.52 10.40
CA GLU A 123 -1.41 -19.61 11.52
C GLU A 123 -0.67 -18.35 11.15
N HIS A 124 0.40 -18.47 10.36
CA HIS A 124 1.08 -17.26 9.93
C HIS A 124 0.24 -16.43 8.96
N VAL A 125 -0.44 -17.10 8.05
CA VAL A 125 -1.37 -16.37 7.18
C VAL A 125 -2.45 -15.60 7.99
N GLN A 126 -3.04 -16.27 8.98
CA GLN A 126 -3.99 -15.57 9.87
C GLN A 126 -3.41 -14.29 10.44
N PHE A 127 -2.22 -14.41 11.02
CA PHE A 127 -1.61 -13.29 11.72
C PHE A 127 -1.25 -12.15 10.74
N LEU A 128 -0.77 -12.51 9.55
CA LEU A 128 -0.35 -11.50 8.55
C LEU A 128 -1.57 -10.76 8.02
N VAL A 129 -2.59 -11.50 7.63
CA VAL A 129 -3.77 -10.84 7.06
C VAL A 129 -4.51 -10.06 8.14
N TYR A 130 -4.45 -10.58 9.36
CA TYR A 130 -5.11 -9.87 10.48
C TYR A 130 -4.53 -8.45 10.61
N GLN A 131 -3.20 -8.37 10.65
CA GLN A 131 -2.51 -7.08 10.76
C GLN A 131 -2.74 -6.17 9.57
N LEU A 132 -2.74 -6.75 8.38
CA LEU A 132 -3.01 -6.00 7.16
C LEU A 132 -4.37 -5.33 7.27
N LEU A 133 -5.38 -6.08 7.71
CA LEU A 133 -6.74 -5.57 7.89
C LEU A 133 -6.82 -4.57 9.02
N ARG A 134 -6.05 -4.79 10.07
CA ARG A 134 -6.10 -3.87 11.22
C ARG A 134 -5.53 -2.52 10.78
N GLY A 135 -4.40 -2.56 10.07
CA GLY A 135 -3.84 -1.31 9.57
C GLY A 135 -4.84 -0.70 8.57
N LEU A 136 -5.44 -1.53 7.72
CA LEU A 136 -6.41 -0.98 6.74
C LEU A 136 -7.63 -0.33 7.39
N LYS A 137 -8.16 -0.97 8.45
CA LYS A 137 -9.26 -0.36 9.23
C LYS A 137 -8.91 1.09 9.62
N TYR A 138 -7.69 1.26 10.08
CA TYR A 138 -7.21 2.56 10.57
C TYR A 138 -7.09 3.53 9.39
N ILE A 139 -6.39 3.11 8.33
CA ILE A 139 -6.32 3.95 7.12
C ILE A 139 -7.72 4.38 6.61
N HIS A 140 -8.63 3.42 6.46
CA HIS A 140 -9.98 3.77 5.98
C HIS A 140 -10.74 4.67 6.90
N SER A 141 -10.57 4.50 8.22
CA SER A 141 -11.27 5.37 9.18
C SER A 141 -10.79 6.81 9.02
N ALA A 142 -9.56 6.99 8.55
CA ALA A 142 -9.06 8.33 8.25
C ALA A 142 -9.68 8.97 6.96
N GLY A 143 -10.41 8.17 6.19
CA GLY A 143 -11.01 8.65 4.92
C GLY A 143 -9.97 8.54 3.82
N ILE A 144 -8.98 7.69 4.02
CA ILE A 144 -7.87 7.52 3.03
C ILE A 144 -8.11 6.20 2.28
N ILE A 145 -7.90 6.18 0.95
CA ILE A 145 -7.86 4.95 0.16
C ILE A 145 -6.39 4.68 -0.18
N HIS A 146 -5.90 3.46 0.06
CA HIS A 146 -4.51 3.12 -0.27
C HIS A 146 -4.29 3.12 -1.80
N ARG A 147 -5.08 2.29 -2.47
CA ARG A 147 -5.20 2.15 -3.91
C ARG A 147 -4.05 1.35 -4.58
N ASP A 148 -3.00 1.01 -3.83
CA ASP A 148 -1.92 0.18 -4.43
C ASP A 148 -1.40 -0.91 -3.49
N LEU A 149 -2.31 -1.58 -2.78
CA LEU A 149 -1.91 -2.71 -1.90
C LEU A 149 -1.48 -3.85 -2.76
N LYS A 150 -0.29 -4.36 -2.46
CA LYS A 150 0.30 -5.47 -3.19
C LYS A 150 1.47 -5.92 -2.33
N PRO A 151 2.00 -7.15 -2.55
CA PRO A 151 3.05 -7.64 -1.64
C PRO A 151 4.29 -6.76 -1.45
N SER A 152 4.67 -5.99 -2.46
CA SER A 152 5.86 -5.16 -2.32
C SER A 152 5.62 -3.90 -1.49
N ASN A 153 4.36 -3.65 -1.13
CA ASN A 153 3.97 -2.48 -0.30
C ASN A 153 3.61 -2.93 1.12
N VAL A 154 4.06 -4.12 1.48
CA VAL A 154 3.78 -4.65 2.82
C VAL A 154 5.11 -5.17 3.35
N ALA A 155 5.56 -4.62 4.46
CA ALA A 155 6.87 -4.96 4.99
C ALA A 155 6.68 -5.74 6.30
N VAL A 156 7.51 -6.76 6.49
CA VAL A 156 7.33 -7.72 7.57
C VAL A 156 8.68 -8.05 8.21
N ASN A 157 8.70 -8.27 9.54
CA ASN A 157 9.87 -8.75 10.29
CA ASN A 157 9.96 -8.77 10.11
C ASN A 157 9.91 -10.27 10.42
N GLU A 158 11.04 -10.83 10.87
CA GLU A 158 11.14 -12.28 11.11
C GLU A 158 10.05 -12.85 12.03
N ASP A 159 9.47 -12.00 12.88
CA ASP A 159 8.40 -12.44 13.78
C ASP A 159 7.01 -12.18 13.19
N CYS A 160 6.94 -11.81 11.90
CA CYS A 160 5.68 -11.68 11.20
C CYS A 160 4.93 -10.40 11.55
N GLU A 161 5.56 -9.50 12.31
CA GLU A 161 4.97 -8.15 12.46
C GLU A 161 5.02 -7.45 11.11
N LEU A 162 3.94 -6.72 10.82
CA LEU A 162 3.65 -6.25 9.51
C LEU A 162 3.32 -4.73 9.53
N ARG A 163 3.81 -3.99 8.54
CA ARG A 163 3.39 -2.62 8.30
C ARG A 163 3.10 -2.34 6.82
N ILE A 164 2.00 -1.62 6.59
CA ILE A 164 1.60 -1.15 5.28
C ILE A 164 2.44 0.07 4.90
N LEU A 165 2.91 0.10 3.67
CA LEU A 165 3.60 1.30 3.14
C LEU A 165 3.12 1.55 1.69
N ASP A 166 3.66 2.57 1.04
CA ASP A 166 3.32 2.86 -0.34
C ASP A 166 4.58 3.44 -0.96
N PHE A 167 5.20 2.64 -1.80
CA PHE A 167 6.44 2.99 -2.49
C PHE A 167 6.16 4.10 -3.50
N GLY A 168 4.90 4.24 -3.91
CA GLY A 168 4.58 5.00 -5.11
C GLY A 168 4.56 4.04 -6.30
N GLU A 175 10.24 -2.00 -14.60
CA GLU A 175 9.19 -2.88 -15.13
C GLU A 175 9.77 -4.23 -15.61
N GLU A 176 11.03 -4.22 -16.06
CA GLU A 176 11.72 -5.45 -16.48
C GLU A 176 12.62 -6.06 -15.37
N MET A 177 12.85 -5.31 -14.29
CA MET A 177 13.88 -5.63 -13.28
C MET A 177 13.48 -6.70 -12.27
N GLY A 179 12.79 -8.10 -9.28
CA GLY A 179 11.70 -8.32 -8.32
C GLY A 179 10.48 -7.43 -8.47
N TYR A 180 10.13 -7.10 -9.72
CA TYR A 180 9.00 -6.20 -10.00
C TYR A 180 7.68 -6.89 -9.71
N VAL A 181 6.77 -6.20 -9.02
CA VAL A 181 5.42 -6.69 -8.70
C VAL A 181 4.39 -5.73 -9.33
N ALA A 182 3.62 -6.26 -10.29
CA ALA A 182 2.64 -5.48 -11.05
C ALA A 182 1.42 -5.15 -10.18
N THR A 183 1.13 -3.85 -10.08
CA THR A 183 -0.15 -3.34 -9.58
C THR A 183 -1.31 -4.01 -10.26
N ARG A 184 -1.18 -4.26 -11.56
CA ARG A 184 -2.23 -4.84 -12.36
C ARG A 184 -2.77 -6.11 -11.70
N TRP A 185 -1.90 -6.92 -11.09
CA TRP A 185 -2.37 -8.19 -10.55
C TRP A 185 -3.26 -8.06 -9.30
N TYR A 186 -3.21 -6.90 -8.63
CA TYR A 186 -3.94 -6.70 -7.37
C TYR A 186 -5.04 -5.66 -7.41
N ARG A 187 -5.26 -5.06 -8.58
CA ARG A 187 -6.11 -3.88 -8.71
C ARG A 187 -7.59 -4.29 -8.86
N ALA A 188 -8.46 -3.69 -8.06
CA ALA A 188 -9.90 -3.96 -8.15
C ALA A 188 -10.39 -3.78 -9.61
N PRO A 189 -11.28 -4.69 -10.07
CA PRO A 189 -11.81 -4.60 -11.44
C PRO A 189 -12.52 -3.27 -11.76
N GLU A 190 -13.21 -2.65 -10.78
CA GLU A 190 -13.79 -1.33 -11.01
C GLU A 190 -12.75 -0.22 -11.26
N ILE A 191 -11.55 -0.36 -10.72
CA ILE A 191 -10.52 0.62 -11.11
C ILE A 191 -10.07 0.32 -12.55
N MET A 192 -9.86 -0.95 -12.87
CA MET A 192 -9.38 -1.37 -14.19
C MET A 192 -10.40 -0.93 -15.25
N LEU A 193 -11.68 -1.05 -14.92
CA LEU A 193 -12.78 -0.70 -15.88
C LEU A 193 -13.21 0.75 -15.85
N ASN A 194 -12.39 1.58 -15.21
CA ASN A 194 -12.52 3.04 -15.26
C ASN A 194 -13.83 3.54 -14.65
N TRP A 195 -14.29 2.84 -13.61
CA TRP A 195 -15.44 3.30 -12.81
C TRP A 195 -15.00 4.60 -12.12
N MET A 196 -15.68 5.72 -12.37
CA MET A 196 -15.22 7.01 -11.85
C MET A 196 -15.46 7.21 -10.33
N HIS A 197 -16.24 6.34 -9.71
CA HIS A 197 -16.69 6.60 -8.33
C HIS A 197 -16.32 5.46 -7.39
N TYR A 198 -15.16 4.83 -7.64
CA TYR A 198 -14.70 3.76 -6.76
C TYR A 198 -14.41 4.33 -5.36
N ASN A 199 -14.44 3.47 -4.36
CA ASN A 199 -14.25 3.93 -2.99
C ASN A 199 -13.30 2.97 -2.27
N GLN A 200 -13.24 3.04 -0.94
CA GLN A 200 -12.24 2.25 -0.20
C GLN A 200 -12.31 0.72 -0.35
N THR A 201 -13.45 0.18 -0.78
CA THR A 201 -13.56 -1.26 -1.01
C THR A 201 -12.55 -1.77 -2.03
N VAL A 202 -12.04 -0.88 -2.91
CA VAL A 202 -10.95 -1.31 -3.82
C VAL A 202 -9.81 -1.98 -3.03
N ASP A 203 -9.55 -1.49 -1.81
CA ASP A 203 -8.42 -2.02 -1.02
C ASP A 203 -8.73 -3.44 -0.54
N ILE A 204 -10.01 -3.72 -0.31
CA ILE A 204 -10.42 -5.07 0.15
C ILE A 204 -10.22 -6.15 -0.93
N TRP A 205 -10.51 -5.82 -2.17
CA TRP A 205 -10.12 -6.64 -3.32
C TRP A 205 -8.64 -6.98 -3.28
N SER A 206 -7.80 -5.97 -3.14
CA SER A 206 -6.36 -6.17 -3.09
C SER A 206 -5.95 -7.07 -1.91
N VAL A 207 -6.53 -6.85 -0.73
CA VAL A 207 -6.25 -7.75 0.40
C VAL A 207 -6.66 -9.20 0.06
N GLY A 208 -7.80 -9.40 -0.63
CA GLY A 208 -8.22 -10.77 -1.03
C GLY A 208 -7.17 -11.39 -1.94
N CYS A 209 -6.66 -10.61 -2.91
CA CYS A 209 -5.57 -11.09 -3.77
C CYS A 209 -4.31 -11.47 -2.98
N ILE A 210 -3.91 -10.60 -2.06
CA ILE A 210 -2.75 -10.87 -1.19
C ILE A 210 -2.95 -12.14 -0.35
N MET A 211 -4.07 -12.23 0.35
CA MET A 211 -4.30 -13.43 1.16
C MET A 211 -4.28 -14.71 0.33
N ALA A 212 -4.91 -14.68 -0.86
CA ALA A 212 -4.89 -15.85 -1.78
C ALA A 212 -3.46 -16.28 -2.11
N GLU A 213 -2.63 -15.30 -2.39
CA GLU A 213 -1.25 -15.54 -2.66
C GLU A 213 -0.51 -16.13 -1.45
N LEU A 214 -0.79 -15.64 -0.23
CA LEU A 214 -0.10 -16.22 0.95
C LEU A 214 -0.51 -17.67 1.18
N LEU A 215 -1.78 -17.97 0.88
CA LEU A 215 -2.28 -19.32 1.02
C LEU A 215 -1.67 -20.31 0.01
N GLN A 216 -1.62 -19.91 -1.27
CA GLN A 216 -1.20 -20.82 -2.36
C GLN A 216 0.27 -20.71 -2.76
N GLY A 217 0.95 -19.66 -2.30
CA GLY A 217 2.37 -19.44 -2.59
C GLY A 217 2.62 -18.86 -3.99
N LYS A 218 1.58 -18.34 -4.62
CA LYS A 218 1.71 -17.81 -5.98
C LYS A 218 0.56 -16.85 -6.23
N ALA A 219 0.75 -15.93 -7.16
CA ALA A 219 -0.27 -14.88 -7.37
C ALA A 219 -1.58 -15.49 -7.90
N LEU A 220 -2.72 -14.93 -7.51
CA LEU A 220 -3.99 -15.52 -7.89
C LEU A 220 -4.38 -15.15 -9.33
N PHE A 221 -4.20 -13.87 -9.68
CA PHE A 221 -4.56 -13.35 -11.03
C PHE A 221 -3.34 -12.67 -11.68
N PRO A 222 -2.31 -13.46 -12.09
CA PRO A 222 -1.12 -12.84 -12.68
C PRO A 222 -1.33 -12.50 -14.18
N GLY A 223 -2.17 -11.53 -14.51
CA GLY A 223 -2.45 -11.14 -15.90
C GLY A 223 -1.20 -10.64 -16.61
N SER A 224 -0.98 -11.11 -17.82
CA SER A 224 0.14 -10.62 -18.64
C SER A 224 -0.14 -9.30 -19.31
N ASP A 225 -1.39 -8.84 -19.27
CA ASP A 225 -1.83 -7.54 -19.84
C ASP A 225 -3.24 -7.27 -19.38
N TYR A 226 -3.83 -6.16 -19.82
CA TYR A 226 -5.14 -5.74 -19.31
C TYR A 226 -6.24 -6.78 -19.59
N ILE A 227 -6.38 -7.16 -20.86
CA ILE A 227 -7.42 -8.15 -21.23
C ILE A 227 -7.21 -9.48 -20.52
N ASP A 228 -5.96 -9.97 -20.50
CA ASP A 228 -5.67 -11.23 -19.78
C ASP A 228 -6.00 -11.13 -18.29
N GLN A 229 -5.75 -9.96 -17.70
CA GLN A 229 -6.12 -9.72 -16.30
C GLN A 229 -7.62 -9.92 -16.10
N LEU A 230 -8.42 -9.27 -16.96
CA LEU A 230 -9.88 -9.36 -16.84
C LEU A 230 -10.37 -10.79 -17.06
N LYS A 231 -9.85 -11.47 -18.08
CA LYS A 231 -10.22 -12.87 -18.34
C LYS A 231 -9.97 -13.76 -17.11
N ARG A 232 -8.82 -13.57 -16.48
CA ARG A 232 -8.47 -14.40 -15.32
C ARG A 232 -9.43 -14.14 -14.17
N ILE A 233 -9.80 -12.88 -13.97
CA ILE A 233 -10.68 -12.53 -12.87
C ILE A 233 -12.06 -13.11 -13.10
N MET A 234 -12.63 -12.88 -14.29
CA MET A 234 -13.97 -13.36 -14.63
C MET A 234 -14.05 -14.88 -14.54
N GLU A 235 -12.96 -15.56 -14.89
CA GLU A 235 -12.95 -17.03 -14.84
C GLU A 235 -13.14 -17.60 -13.46
N VAL A 236 -12.81 -16.81 -12.45
CA VAL A 236 -12.95 -17.23 -11.06
C VAL A 236 -14.21 -16.66 -10.44
N VAL A 237 -14.44 -15.35 -10.57
CA VAL A 237 -15.59 -14.72 -9.87
C VAL A 237 -16.91 -14.85 -10.63
N GLY A 238 -16.80 -15.15 -11.92
CA GLY A 238 -17.94 -15.29 -12.81
C GLY A 238 -18.28 -13.97 -13.49
N THR A 239 -18.74 -14.01 -14.76
CA THR A 239 -19.18 -12.78 -15.48
C THR A 239 -20.33 -12.08 -14.74
N PRO A 240 -20.23 -10.73 -14.60
CA PRO A 240 -21.30 -10.03 -13.84
C PRO A 240 -22.60 -9.91 -14.62
N SER A 241 -23.72 -9.69 -13.93
CA SER A 241 -24.96 -9.39 -14.67
C SER A 241 -24.79 -8.04 -15.36
N PRO A 242 -25.65 -7.73 -16.37
CA PRO A 242 -25.58 -6.40 -16.97
C PRO A 242 -25.75 -5.29 -15.91
N GLU A 243 -26.62 -5.53 -14.94
CA GLU A 243 -26.89 -4.56 -13.89
C GLU A 243 -25.66 -4.26 -13.03
N VAL A 244 -24.94 -5.30 -12.62
CA VAL A 244 -23.70 -5.14 -11.89
C VAL A 244 -22.59 -4.59 -12.79
N LEU A 245 -22.52 -5.03 -14.04
CA LEU A 245 -21.49 -4.49 -14.95
C LEU A 245 -21.62 -2.97 -15.05
N ALA A 246 -22.88 -2.50 -15.10
CA ALA A 246 -23.20 -1.07 -15.17
C ALA A 246 -22.62 -0.22 -14.01
N LYS A 247 -22.47 -0.80 -12.83
CA LYS A 247 -21.97 -0.02 -11.69
C LYS A 247 -20.48 -0.21 -11.39
N ILE A 248 -19.79 -0.99 -12.21
CA ILE A 248 -18.36 -1.18 -11.99
C ILE A 248 -17.49 -0.71 -13.17
N SER A 249 -18.06 0.00 -14.13
CA SER A 249 -17.33 0.28 -15.37
C SER A 249 -17.81 1.53 -16.06
N SER A 250 -16.93 2.13 -16.86
CA SER A 250 -17.34 3.21 -17.75
C SER A 250 -18.09 2.62 -18.93
N GLU A 251 -18.70 3.51 -19.72
CA GLU A 251 -19.47 3.14 -20.92
C GLU A 251 -18.58 2.42 -21.90
N HIS A 252 -17.34 2.92 -22.07
CA HIS A 252 -16.41 2.34 -23.06
C HIS A 252 -15.82 1.00 -22.58
N ALA A 253 -15.56 0.86 -21.29
CA ALA A 253 -14.89 -0.33 -20.76
C ALA A 253 -15.84 -1.52 -20.71
N ARG A 254 -17.14 -1.24 -20.60
CA ARG A 254 -18.17 -2.28 -20.74
C ARG A 254 -17.90 -3.33 -21.84
N THR A 255 -17.59 -2.87 -23.06
CA THR A 255 -17.40 -3.78 -24.20
C THR A 255 -16.30 -4.83 -23.95
N TYR A 256 -15.29 -4.49 -23.16
CA TYR A 256 -14.20 -5.45 -22.89
C TYR A 256 -14.78 -6.67 -22.18
N ILE A 257 -15.71 -6.42 -21.26
CA ILE A 257 -16.37 -7.50 -20.51
C ILE A 257 -17.43 -8.22 -21.40
N GLN A 258 -18.28 -7.43 -22.07
CA GLN A 258 -19.34 -8.01 -22.92
C GLN A 258 -18.78 -8.92 -24.02
N SER A 259 -17.57 -8.66 -24.48
CA SER A 259 -17.01 -9.47 -25.59
C SER A 259 -16.47 -10.82 -25.11
N LEU A 260 -16.18 -10.95 -23.81
CA LEU A 260 -15.73 -12.25 -23.28
C LEU A 260 -16.87 -13.28 -23.33
N PRO A 261 -16.56 -14.57 -23.57
CA PRO A 261 -17.68 -15.51 -23.39
C PRO A 261 -18.12 -15.55 -21.91
N PRO A 262 -19.43 -15.76 -21.65
CA PRO A 262 -19.89 -15.81 -20.25
C PRO A 262 -19.19 -16.93 -19.46
N MET A 263 -18.79 -16.64 -18.21
CA MET A 263 -18.14 -17.64 -17.38
C MET A 263 -18.93 -17.74 -16.09
N PRO A 264 -19.19 -18.97 -15.63
CA PRO A 264 -19.85 -19.10 -14.31
C PRO A 264 -18.87 -18.84 -13.16
N GLN A 265 -19.41 -18.46 -12.01
CA GLN A 265 -18.61 -18.31 -10.83
C GLN A 265 -18.05 -19.71 -10.45
N LYS A 266 -16.76 -19.80 -10.10
CA LYS A 266 -16.16 -21.07 -9.63
C LYS A 266 -16.27 -21.19 -8.12
N ASP A 267 -16.31 -22.42 -7.63
CA ASP A 267 -16.31 -22.65 -6.19
C ASP A 267 -14.89 -22.39 -5.69
N LEU A 268 -14.72 -21.44 -4.77
CA LEU A 268 -13.40 -21.12 -4.22
C LEU A 268 -12.83 -22.27 -3.40
N SER A 269 -13.70 -23.17 -2.92
CA SER A 269 -13.22 -24.38 -2.26
C SER A 269 -12.44 -25.26 -3.23
N SER A 270 -12.72 -25.14 -4.51
CA SER A 270 -12.06 -26.05 -5.46
C SER A 270 -10.78 -25.38 -5.94
N ILE A 271 -10.65 -24.09 -5.74
CA ILE A 271 -9.44 -23.39 -6.14
C ILE A 271 -8.44 -23.52 -4.99
N PHE A 272 -8.93 -23.43 -3.77
CA PHE A 272 -8.04 -23.42 -2.59
C PHE A 272 -8.23 -24.71 -1.81
N ARG A 273 -8.04 -25.82 -2.52
CA ARG A 273 -8.20 -27.17 -1.98
C ARG A 273 -7.22 -27.38 -0.85
N GLY A 274 -7.69 -27.79 0.30
CA GLY A 274 -6.77 -27.95 1.39
C GLY A 274 -6.56 -26.71 2.26
N ALA A 275 -7.11 -25.54 1.91
CA ALA A 275 -7.05 -24.36 2.82
C ALA A 275 -8.09 -24.46 3.93
N ASN A 276 -7.82 -23.78 5.03
CA ASN A 276 -8.77 -23.68 6.13
C ASN A 276 -10.11 -23.21 5.54
N PRO A 277 -11.22 -23.94 5.79
CA PRO A 277 -12.50 -23.49 5.21
C PRO A 277 -12.86 -22.05 5.63
N LEU A 278 -12.40 -21.63 6.80
CA LEU A 278 -12.62 -20.22 7.19
C LEU A 278 -11.92 -19.23 6.28
N ALA A 279 -10.72 -19.60 5.82
CA ALA A 279 -9.95 -18.75 4.88
C ALA A 279 -10.72 -18.59 3.58
N ILE A 280 -11.25 -19.70 3.11
CA ILE A 280 -12.06 -19.75 1.86
C ILE A 280 -13.33 -18.90 1.99
N ASP A 281 -14.00 -19.05 3.13
CA ASP A 281 -15.20 -18.24 3.42
C ASP A 281 -14.94 -16.73 3.37
N LEU A 282 -13.91 -16.28 4.08
CA LEU A 282 -13.52 -14.87 4.05
C LEU A 282 -13.12 -14.39 2.64
N LEU A 283 -12.35 -15.21 1.91
CA LEU A 283 -11.93 -14.83 0.54
C LEU A 283 -13.16 -14.52 -0.35
N GLY A 284 -14.19 -15.33 -0.19
CA GLY A 284 -15.44 -15.19 -0.94
C GLY A 284 -16.21 -13.94 -0.59
N ARG A 285 -15.89 -13.31 0.54
CA ARG A 285 -16.45 -12.01 0.88
C ARG A 285 -15.56 -10.83 0.46
N MET A 286 -14.41 -11.13 -0.15
CA MET A 286 -13.50 -10.04 -0.58
C MET A 286 -13.44 -9.97 -2.12
N LEU A 287 -13.33 -11.13 -2.73
CA LEU A 287 -13.15 -11.27 -4.18
C LEU A 287 -14.51 -11.35 -4.87
N VAL A 288 -15.24 -10.23 -4.82
CA VAL A 288 -16.54 -10.09 -5.51
C VAL A 288 -16.51 -8.78 -6.29
N LEU A 289 -17.19 -8.76 -7.41
CA LEU A 289 -17.24 -7.57 -8.27
C LEU A 289 -18.12 -6.45 -7.73
N ASP A 290 -19.25 -6.79 -7.12
CA ASP A 290 -20.17 -5.82 -6.54
C ASP A 290 -19.63 -5.31 -5.19
N SER A 291 -19.24 -4.04 -5.13
CA SER A 291 -18.70 -3.46 -3.87
C SER A 291 -19.61 -3.54 -2.67
N ASP A 292 -20.91 -3.36 -2.87
CA ASP A 292 -21.90 -3.51 -1.76
C ASP A 292 -21.69 -4.79 -1.01
N GLN A 293 -21.18 -5.80 -1.72
CA GLN A 293 -21.08 -7.11 -1.12
C GLN A 293 -19.69 -7.45 -0.59
N ARG A 294 -18.73 -6.52 -0.69
CA ARG A 294 -17.42 -6.77 -0.09
C ARG A 294 -17.43 -6.43 1.38
N VAL A 295 -16.85 -7.30 2.19
CA VAL A 295 -16.71 -7.04 3.63
C VAL A 295 -15.84 -5.79 3.87
N SER A 296 -16.17 -4.98 4.88
CA SER A 296 -15.28 -3.85 5.25
C SER A 296 -14.08 -4.43 6.01
N ALA A 297 -13.01 -3.66 6.16
CA ALA A 297 -11.82 -4.07 6.95
C ALA A 297 -12.25 -4.29 8.40
N ALA A 298 -13.07 -3.38 8.92
CA ALA A 298 -13.58 -3.45 10.31
C ALA A 298 -14.37 -4.75 10.58
N GLU A 299 -15.24 -5.10 9.64
CA GLU A 299 -16.04 -6.33 9.77
C GLU A 299 -15.20 -7.57 9.59
N ALA A 300 -14.26 -7.52 8.62
CA ALA A 300 -13.39 -8.64 8.37
C ALA A 300 -12.59 -9.02 9.61
N LEU A 301 -12.21 -8.06 10.45
CA LEU A 301 -11.42 -8.41 11.66
C LEU A 301 -12.20 -9.31 12.60
N ALA A 302 -13.52 -9.19 12.54
CA ALA A 302 -14.42 -9.97 13.38
C ALA A 302 -14.64 -11.41 12.87
N HIS A 303 -14.14 -11.74 11.68
CA HIS A 303 -14.33 -13.06 11.10
C HIS A 303 -13.63 -14.15 11.93
N ALA A 304 -14.26 -15.32 12.02
CA ALA A 304 -13.69 -16.42 12.80
C ALA A 304 -12.29 -16.82 12.34
N TYR A 305 -11.93 -16.56 11.08
CA TYR A 305 -10.55 -16.87 10.65
C TYR A 305 -9.52 -16.16 11.56
N PHE A 306 -9.89 -15.03 12.17
CA PHE A 306 -8.99 -14.24 13.03
C PHE A 306 -9.26 -14.39 14.51
N SER A 307 -9.94 -15.48 14.90
CA SER A 307 -10.40 -15.56 16.28
C SER A 307 -9.21 -15.72 17.22
N GLN A 308 -8.04 -16.08 16.68
CA GLN A 308 -6.86 -16.21 17.53
C GLN A 308 -6.37 -14.81 18.00
N TYR A 309 -6.63 -13.81 17.16
CA TYR A 309 -5.99 -12.49 17.21
C TYR A 309 -6.94 -11.35 17.50
N HIS A 310 -8.20 -11.52 17.14
CA HIS A 310 -9.20 -10.45 17.22
C HIS A 310 -9.29 -9.92 18.64
N ASP A 311 -9.29 -8.59 18.73
CA ASP A 311 -9.42 -7.90 20.00
C ASP A 311 -10.07 -6.55 19.68
N PRO A 312 -11.41 -6.41 19.82
CA PRO A 312 -12.12 -5.15 19.53
C PRO A 312 -11.58 -3.89 20.23
N GLU A 313 -10.95 -4.03 21.40
CA GLU A 313 -10.45 -2.86 22.12
C GLU A 313 -9.08 -2.43 21.59
N ASP A 314 -8.45 -3.28 20.78
CA ASP A 314 -7.09 -2.99 20.29
C ASP A 314 -7.06 -2.96 18.74
N GLU A 315 -8.13 -2.42 18.17
CA GLU A 315 -8.22 -2.27 16.71
C GLU A 315 -8.69 -0.80 16.48
N PRO A 316 -7.79 0.17 16.70
CA PRO A 316 -8.23 1.55 16.78
C PRO A 316 -8.59 2.23 15.44
N GLU A 317 -9.41 3.29 15.55
CA GLU A 317 -9.78 4.18 14.44
C GLU A 317 -8.75 5.31 14.41
N ALA A 318 -8.71 6.00 13.29
CA ALA A 318 -7.97 7.26 13.14
C ALA A 318 -8.88 8.47 13.25
N GLU A 319 -8.32 9.63 13.58
CA GLU A 319 -8.99 10.90 13.23
C GLU A 319 -9.08 11.07 11.69
N PRO A 320 -10.22 11.60 11.17
CA PRO A 320 -10.33 11.93 9.74
C PRO A 320 -9.17 12.77 9.26
N TYR A 321 -8.60 12.39 8.12
CA TYR A 321 -7.56 13.20 7.53
C TYR A 321 -8.26 14.40 6.85
N ASP A 322 -7.91 15.62 7.24
CA ASP A 322 -8.55 16.82 6.65
C ASP A 322 -7.82 17.30 5.39
N GLU A 323 -8.50 17.24 4.24
CA GLU A 323 -7.83 17.55 2.96
C GLU A 323 -7.86 19.06 2.63
N SER A 324 -8.52 19.85 3.47
CA SER A 324 -8.77 21.30 3.18
C SER A 324 -7.53 22.13 2.75
N VAL A 325 -6.43 22.03 3.48
CA VAL A 325 -5.22 22.78 3.14
C VAL A 325 -4.62 22.35 1.82
N GLU A 326 -4.35 21.06 1.68
CA GLU A 326 -3.69 20.63 0.46
C GLU A 326 -4.55 20.78 -0.81
N ALA A 327 -5.87 20.86 -0.64
CA ALA A 327 -6.76 20.96 -1.79
C ALA A 327 -6.89 22.41 -2.33
N LYS A 328 -6.50 23.41 -1.54
CA LYS A 328 -6.69 24.81 -1.92
C LYS A 328 -5.70 25.15 -3.03
N GLU A 329 -6.16 25.86 -4.06
CA GLU A 329 -5.26 26.31 -5.11
C GLU A 329 -4.18 27.22 -4.57
N ARG A 330 -2.94 26.92 -4.93
CA ARG A 330 -1.81 27.80 -4.59
C ARG A 330 -0.70 27.65 -5.62
N THR A 331 0.23 28.61 -5.66
CA THR A 331 1.34 28.61 -6.60
C THR A 331 2.43 27.62 -6.14
N LEU A 332 3.32 27.25 -7.05
CA LEU A 332 4.48 26.43 -6.69
C LEU A 332 5.29 27.04 -5.54
N GLU A 333 5.51 28.36 -5.59
CA GLU A 333 6.22 29.07 -4.50
C GLU A 333 5.51 28.93 -3.13
N GLU A 334 4.20 29.09 -3.09
CA GLU A 334 3.43 28.83 -1.87
C GLU A 334 3.58 27.39 -1.34
N TRP A 335 3.52 26.42 -2.27
CA TRP A 335 3.73 25.01 -1.90
C TRP A 335 5.08 24.79 -1.22
N LYS A 336 6.13 25.37 -1.81
CA LYS A 336 7.46 25.28 -1.18
C LYS A 336 7.45 25.85 0.22
N GLU A 337 6.87 27.06 0.41
CA GLU A 337 6.85 27.66 1.75
C GLU A 337 6.07 26.82 2.75
N LEU A 338 4.91 26.31 2.35
CA LEU A 338 4.12 25.45 3.24
C LEU A 338 4.88 24.18 3.64
N THR A 339 5.46 23.51 2.65
CA THR A 339 6.17 22.26 2.84
C THR A 339 7.45 22.52 3.67
N TYR A 340 8.16 23.62 3.40
CA TYR A 340 9.36 23.99 4.19
C TYR A 340 9.03 24.10 5.68
N GLN A 341 7.93 24.78 5.99
CA GLN A 341 7.48 24.87 7.37
C GLN A 341 7.15 23.48 7.97
N GLU A 342 6.50 22.62 7.19
CA GLU A 342 6.22 21.24 7.64
C GLU A 342 7.46 20.46 7.91
N VAL A 343 8.47 20.58 7.04
CA VAL A 343 9.75 19.92 7.25
C VAL A 343 10.42 20.42 8.53
N LEU A 344 10.53 21.74 8.68
CA LEU A 344 11.18 22.31 9.84
C LEU A 344 10.45 22.01 11.13
N SER A 345 9.14 21.78 11.06
CA SER A 345 8.39 21.58 12.29
C SER A 345 8.56 20.18 12.83
N PHE A 346 9.05 19.27 12.00
CA PHE A 346 9.17 17.92 12.49
C PHE A 346 10.27 17.83 13.54
#